data_4IKF
#
_entry.id   4IKF
#
_cell.length_a   159.070
_cell.length_b   159.070
_cell.length_c   123.820
_cell.angle_alpha   90.00
_cell.angle_beta   90.00
_cell.angle_gamma   90.00
#
_symmetry.space_group_name_H-M   'P 41 21 2'
#
loop_
_entity.id
_entity.type
_entity.pdbx_description
1 polymer Integrase
2 polymer "5'-D(*AP*TP*TP*GP*TP*CP*AP*TP*GP*GP*AP*AP*TP*TP*TP*CP*GP*CP*A)-3'"
3 polymer "5'-D(*TP*GP*CP*GP*AP*AP*AP*TP*TP*CP*CP*AP*TP*GP*AP*CP*A)-3'"
4 non-polymer 'ZINC ION'
5 non-polymer 'SULFATE ION'
6 non-polymer 'AMMONIUM ION'
7 non-polymer 'MAGNESIUM ION'
8 non-polymer GLYCEROL
9 non-polymer HEXANE-1,6-DIOL
10 non-polymer N-(4-fluorobenzyl)-2,3-dihydroxy-1-oxo-1,2-dihydroisoquinoline-4-carboxamide
#
loop_
_entity_poly.entity_id
_entity_poly.type
_entity_poly.pdbx_seq_one_letter_code
_entity_poly.pdbx_strand_id
1 'polypeptide(L)'
;GPGCNTKKPNLDAELDQLLQGHYIKGYPKQYTYFLEDGKVKVSRPEGVKIIPPQSDRQKIVLQAHNLAHTGREATLLKIA
NLYWWPNMRKDVVKQLGRCQQCLITNASNKASGPILRPDRPQKPFDKFFIDYIGPLPPSQGYLYVLVVVDGMTGFTWLYP
TKAPSTSATVKSLNVLTSIAIPKVIHSDQGAAFTSSTFAEWAKERGIHLEFSTPYHPQSSGKVERKNSDIKRLLTKLLVG
RPTKWYDLLPVVQLALNNTYSPVLKYTPHQLLFGIDSNTPFANQDTLDLTREEELSLLQEIRTSLYHPSTPPASSRSWSP
VVGQLVQERVARPASLRPRWHKPSTVLKVLNPRTVVILDHLGNNRTVSIDNLKPTSHQNGTTNDTATMDHLEKNE
;
A,B
2 'polydeoxyribonucleotide' (DA)(DT)(DT)(DG)(DT)(DC)(DA)(DT)(DG)(DG)(DA)(DA)(DT)(DT)(DT)(DC)(DG)(DC)(DA) C
3 'polydeoxyribonucleotide' (DT)(DG)(DC)(DG)(DA)(DA)(DA)(DT)(DT)(DC)(DC)(DA)(DT)(DG)(DA)(DC)(DA) D
#
# COMPACT_ATOMS: atom_id res chain seq x y z
N LEU A 11 -17.56 26.33 -55.10
CA LEU A 11 -17.24 27.06 -56.33
C LEU A 11 -17.19 28.58 -56.08
N ASP A 12 -17.35 29.36 -57.16
CA ASP A 12 -17.19 30.83 -57.17
C ASP A 12 -17.77 31.58 -55.98
N ALA A 13 -19.10 31.52 -55.84
CA ALA A 13 -19.82 32.15 -54.73
C ALA A 13 -19.20 33.50 -54.31
N GLU A 14 -18.66 33.59 -53.10
CA GLU A 14 -18.25 34.85 -52.47
C GLU A 14 -17.27 35.67 -53.30
N LEU A 15 -16.41 34.99 -54.05
CA LEU A 15 -15.21 35.61 -54.58
C LEU A 15 -15.51 36.55 -55.75
N ASP A 16 -16.69 36.41 -56.36
CA ASP A 16 -17.09 37.34 -57.40
C ASP A 16 -17.04 38.75 -56.82
N GLN A 17 -17.90 39.00 -55.82
CA GLN A 17 -18.13 40.35 -55.28
C GLN A 17 -16.83 40.95 -54.86
N LEU A 18 -15.89 40.08 -54.55
CA LEU A 18 -14.56 40.52 -54.21
C LEU A 18 -13.93 41.11 -55.45
N LEU A 19 -13.68 40.24 -56.42
CA LEU A 19 -13.01 40.69 -57.61
C LEU A 19 -13.75 41.90 -58.20
N GLN A 20 -15.10 41.90 -58.11
CA GLN A 20 -15.92 43.02 -58.58
C GLN A 20 -15.43 44.34 -57.98
N GLY A 21 -15.09 44.32 -56.69
CA GLY A 21 -14.62 45.51 -56.01
C GLY A 21 -15.26 45.80 -54.66
N HIS A 22 -16.57 45.58 -54.51
CA HIS A 22 -17.25 45.96 -53.27
C HIS A 22 -16.98 44.96 -52.15
N TYR A 23 -16.31 45.46 -51.12
CA TYR A 23 -15.74 44.68 -50.00
C TYR A 23 -16.62 43.58 -49.38
N ILE A 24 -15.96 42.57 -48.79
CA ILE A 24 -16.57 41.44 -48.07
C ILE A 24 -15.93 41.22 -46.67
N LYS A 25 -16.63 40.59 -45.72
CA LYS A 25 -16.11 40.52 -44.34
C LYS A 25 -14.82 39.72 -44.23
N GLY A 26 -13.81 40.36 -43.65
CA GLY A 26 -12.56 39.71 -43.36
C GLY A 26 -11.66 39.62 -44.57
N TYR A 27 -11.98 40.39 -45.60
CA TYR A 27 -11.04 40.52 -46.70
C TYR A 27 -10.63 41.99 -46.78
N PRO A 28 -9.59 42.34 -46.01
CA PRO A 28 -9.09 43.69 -45.77
C PRO A 28 -8.87 44.49 -47.05
N LYS A 29 -9.29 45.75 -47.09
CA LYS A 29 -9.48 46.41 -48.36
C LYS A 29 -8.19 46.68 -49.17
N GLN A 30 -7.16 47.25 -48.55
CA GLN A 30 -6.03 47.80 -49.34
C GLN A 30 -5.18 46.75 -50.09
N TYR A 31 -5.78 45.60 -50.36
CA TYR A 31 -5.10 44.56 -51.08
C TYR A 31 -5.75 44.40 -52.42
N THR A 32 -4.92 44.27 -53.44
CA THR A 32 -5.44 44.31 -54.79
C THR A 32 -5.76 42.89 -55.24
N TYR A 33 -7.02 42.52 -55.00
CA TYR A 33 -7.51 41.16 -55.22
C TYR A 33 -7.86 40.92 -56.66
N PHE A 34 -6.90 40.48 -57.45
CA PHE A 34 -7.18 40.28 -58.85
C PHE A 34 -7.37 38.83 -59.19
N LEU A 35 -7.62 38.58 -60.48
CA LEU A 35 -7.63 37.24 -61.04
C LEU A 35 -6.44 37.11 -62.02
N GLU A 36 -6.04 35.88 -62.30
CA GLU A 36 -4.88 35.64 -63.12
C GLU A 36 -4.63 34.15 -63.08
N ASP A 37 -4.34 33.56 -64.23
CA ASP A 37 -4.11 32.12 -64.33
C ASP A 37 -5.39 31.40 -63.89
N GLY A 38 -6.52 32.10 -64.00
CA GLY A 38 -7.80 31.52 -63.65
C GLY A 38 -7.92 31.21 -62.17
N LYS A 39 -7.31 32.06 -61.35
CA LYS A 39 -7.28 31.90 -59.88
C LYS A 39 -7.37 33.27 -59.17
N VAL A 40 -7.97 33.32 -57.98
CA VAL A 40 -8.29 34.60 -57.34
C VAL A 40 -7.16 35.26 -56.51
N LYS A 41 -6.00 35.44 -57.13
CA LYS A 41 -4.83 35.85 -56.38
C LYS A 41 -5.08 37.16 -55.62
N VAL A 42 -4.13 37.50 -54.75
CA VAL A 42 -4.12 38.75 -53.98
C VAL A 42 -2.69 39.11 -53.59
N SER A 43 -2.27 40.35 -53.90
CA SER A 43 -0.94 40.76 -53.50
C SER A 43 -0.92 41.14 -52.03
N ARG A 44 -0.18 40.37 -51.25
CA ARG A 44 0.04 40.66 -49.85
C ARG A 44 1.49 40.99 -49.59
N PRO A 45 1.77 41.48 -48.39
CA PRO A 45 3.15 41.86 -48.11
C PRO A 45 4.16 40.74 -48.33
N GLU A 46 3.75 39.48 -48.38
CA GLU A 46 4.71 38.36 -48.47
C GLU A 46 4.88 37.94 -49.91
N GLY A 47 4.13 38.61 -50.77
CA GLY A 47 4.08 38.22 -52.16
C GLY A 47 2.64 37.93 -52.45
N VAL A 48 2.37 37.37 -53.61
CA VAL A 48 1.00 37.10 -53.96
C VAL A 48 0.66 35.67 -53.60
N LYS A 49 -0.52 35.54 -53.02
CA LYS A 49 -0.96 34.27 -52.52
C LYS A 49 -2.29 34.03 -53.20
N ILE A 50 -2.56 32.77 -53.49
CA ILE A 50 -3.85 32.37 -54.04
C ILE A 50 -4.91 32.41 -52.95
N ILE A 51 -6.17 32.61 -53.33
CA ILE A 51 -7.21 32.53 -52.33
C ILE A 51 -8.27 31.56 -52.72
N PRO A 52 -8.12 30.33 -52.29
CA PRO A 52 -9.08 29.30 -52.65
C PRO A 52 -10.48 29.52 -52.07
N PRO A 53 -11.49 29.07 -52.82
CA PRO A 53 -12.90 29.06 -52.43
C PRO A 53 -13.13 28.20 -51.20
N GLN A 54 -13.89 28.77 -50.28
CA GLN A 54 -14.25 28.07 -49.08
C GLN A 54 -14.60 26.57 -49.28
N SER A 55 -15.00 26.19 -50.49
CA SER A 55 -15.35 24.79 -50.79
C SER A 55 -14.13 23.87 -50.79
N ASP A 56 -12.96 24.48 -50.88
CA ASP A 56 -11.74 23.72 -51.08
C ASP A 56 -10.81 23.79 -49.90
N ARG A 57 -11.12 24.67 -48.98
CA ARG A 57 -10.19 24.94 -47.90
C ARG A 57 -10.07 23.73 -47.00
N GLN A 58 -11.17 23.12 -46.61
CA GLN A 58 -11.03 21.91 -45.81
C GLN A 58 -10.13 20.90 -46.59
N LYS A 59 -10.42 20.69 -47.87
CA LYS A 59 -9.65 19.75 -48.68
C LYS A 59 -8.15 20.04 -48.66
N ILE A 60 -7.80 21.31 -48.53
CA ILE A 60 -6.42 21.80 -48.63
C ILE A 60 -5.65 21.61 -47.34
N VAL A 61 -6.28 22.00 -46.25
CA VAL A 61 -5.66 22.03 -44.94
C VAL A 61 -5.32 20.59 -44.53
N LEU A 62 -6.30 19.74 -44.71
CA LEU A 62 -6.06 18.34 -44.64
C LEU A 62 -4.88 17.94 -45.52
N GLN A 63 -4.85 18.35 -46.78
CA GLN A 63 -3.75 17.97 -47.67
C GLN A 63 -2.41 18.32 -47.08
N ALA A 64 -2.33 19.56 -46.63
CA ALA A 64 -1.16 20.13 -46.00
C ALA A 64 -0.83 19.35 -44.75
N HIS A 65 -1.65 19.44 -43.71
CA HIS A 65 -1.41 18.61 -42.52
C HIS A 65 -0.94 17.20 -42.89
N ASN A 66 -1.72 16.50 -43.69
CA ASN A 66 -1.50 15.09 -43.88
C ASN A 66 -0.15 14.72 -44.49
N LEU A 67 0.58 15.70 -44.97
CA LEU A 67 1.93 15.44 -45.43
C LEU A 67 2.74 14.81 -44.33
N ALA A 68 2.95 15.51 -43.22
CA ALA A 68 3.59 14.87 -42.06
C ALA A 68 2.82 14.94 -40.71
N HIS A 69 1.49 14.87 -40.74
CA HIS A 69 0.70 14.97 -39.52
C HIS A 69 1.30 15.98 -38.53
N THR A 70 1.64 17.12 -39.13
CA THR A 70 2.21 18.23 -38.42
C THR A 70 1.13 18.99 -37.61
N GLY A 71 1.56 19.57 -36.49
CA GLY A 71 0.68 20.36 -35.63
C GLY A 71 0.37 21.71 -36.23
N ARG A 72 -0.14 22.65 -35.44
CA ARG A 72 -0.68 23.91 -35.98
C ARG A 72 0.28 24.77 -36.79
N GLU A 73 1.36 25.24 -36.19
CA GLU A 73 2.32 26.11 -36.87
C GLU A 73 3.00 25.42 -38.07
N ALA A 74 3.70 24.34 -37.77
CA ALA A 74 4.25 23.49 -38.79
C ALA A 74 3.33 23.42 -40.02
N THR A 75 2.02 23.29 -39.79
CA THR A 75 1.06 23.04 -40.85
C THR A 75 0.72 24.30 -41.61
N LEU A 76 0.51 25.38 -40.88
CA LEU A 76 0.13 26.60 -41.54
C LEU A 76 1.26 27.07 -42.45
N LEU A 77 2.47 26.96 -41.94
CA LEU A 77 3.62 27.42 -42.67
C LEU A 77 3.75 26.78 -44.06
N LYS A 78 3.21 25.57 -44.25
CA LYS A 78 3.29 24.90 -45.55
C LYS A 78 2.29 25.59 -46.44
N ILE A 79 1.09 25.74 -45.91
CA ILE A 79 0.04 26.44 -46.64
C ILE A 79 0.46 27.85 -47.04
N ALA A 80 0.80 28.67 -46.06
CA ALA A 80 1.30 30.02 -46.32
C ALA A 80 2.03 30.19 -47.65
N ASN A 81 2.91 29.25 -47.99
CA ASN A 81 3.68 29.34 -49.24
C ASN A 81 2.87 29.68 -50.49
N LEU A 82 1.70 29.07 -50.61
CA LEU A 82 0.88 29.20 -51.80
C LEU A 82 -0.36 29.99 -51.52
N TYR A 83 -1.17 29.54 -50.57
CA TYR A 83 -2.47 30.16 -50.39
C TYR A 83 -2.49 31.15 -49.29
N TRP A 84 -3.54 31.96 -49.33
CA TRP A 84 -3.89 32.85 -48.25
C TRP A 84 -5.38 32.83 -48.12
N TRP A 85 -5.90 33.05 -46.91
CA TRP A 85 -7.31 33.41 -46.70
C TRP A 85 -7.62 33.90 -45.25
N PRO A 86 -8.88 34.26 -44.96
CA PRO A 86 -9.08 34.85 -43.64
C PRO A 86 -9.14 33.85 -42.46
N ASN A 87 -8.46 34.21 -41.37
CA ASN A 87 -8.59 33.49 -40.12
C ASN A 87 -7.97 32.09 -40.21
N MET A 88 -7.00 31.96 -41.11
CA MET A 88 -6.33 30.71 -41.44
C MET A 88 -6.28 29.66 -40.35
N ARG A 89 -5.43 29.85 -39.36
CA ARG A 89 -5.25 28.83 -38.33
C ARG A 89 -6.59 28.25 -37.81
N LYS A 90 -7.61 29.09 -37.66
CA LYS A 90 -8.91 28.60 -37.20
C LYS A 90 -9.30 27.28 -37.95
N ASP A 91 -9.12 27.27 -39.27
CA ASP A 91 -9.43 26.11 -40.10
C ASP A 91 -8.42 25.00 -39.90
N VAL A 92 -7.20 25.40 -39.65
CA VAL A 92 -6.17 24.45 -39.35
C VAL A 92 -6.49 23.78 -38.02
N VAL A 93 -6.78 24.57 -37.00
CA VAL A 93 -7.15 23.97 -35.74
C VAL A 93 -8.37 23.06 -35.88
N LYS A 94 -9.38 23.44 -36.67
CA LYS A 94 -10.54 22.56 -36.86
C LYS A 94 -10.05 21.17 -37.28
N GLN A 95 -9.21 21.14 -38.30
CA GLN A 95 -8.71 19.89 -38.86
C GLN A 95 -7.82 19.05 -37.94
N LEU A 96 -7.15 19.68 -36.98
CA LEU A 96 -6.23 18.99 -36.08
C LEU A 96 -6.96 18.24 -35.00
N GLY A 97 -8.03 18.87 -34.52
CA GLY A 97 -8.89 18.32 -33.49
C GLY A 97 -9.78 17.26 -34.10
N ARG A 98 -9.69 17.12 -35.42
CA ARG A 98 -10.38 16.06 -36.12
C ARG A 98 -9.45 14.91 -36.58
N CYS A 99 -8.14 15.09 -36.43
CA CYS A 99 -7.19 14.12 -36.95
C CYS A 99 -7.01 13.00 -35.97
N GLN A 100 -7.56 11.82 -36.24
CA GLN A 100 -7.70 10.90 -35.12
C GLN A 100 -6.32 10.57 -34.67
N GLN A 101 -5.38 10.46 -35.63
CA GLN A 101 -4.03 9.95 -35.34
C GLN A 101 -3.17 10.90 -34.57
N CYS A 102 -3.11 12.14 -35.01
CA CYS A 102 -2.56 13.16 -34.14
C CYS A 102 -3.08 13.03 -32.69
N LEU A 103 -4.38 12.83 -32.49
CA LEU A 103 -4.93 12.87 -31.11
C LEU A 103 -4.49 11.72 -30.20
N ILE A 104 -4.24 10.57 -30.80
CA ILE A 104 -3.80 9.41 -30.02
C ILE A 104 -2.31 9.23 -30.04
N THR A 105 -1.53 10.01 -30.82
CA THR A 105 -0.07 9.89 -30.69
C THR A 105 0.71 11.03 -30.11
N ASN A 106 0.50 12.26 -30.55
CA ASN A 106 1.18 13.40 -29.93
C ASN A 106 1.10 13.26 -28.40
N ALA A 107 2.16 13.59 -27.65
CA ALA A 107 2.08 13.47 -26.19
C ALA A 107 1.70 14.83 -25.68
N SER A 108 1.50 14.97 -24.38
CA SER A 108 1.01 16.23 -23.87
C SER A 108 2.04 17.36 -23.85
N ASN A 109 1.56 18.53 -23.44
CA ASN A 109 2.44 19.61 -23.12
C ASN A 109 1.87 20.32 -21.93
N LYS A 110 0.91 19.64 -21.29
CA LYS A 110 0.22 20.16 -20.12
C LYS A 110 0.42 19.20 -18.95
N ALA A 111 0.92 19.72 -17.83
CA ALA A 111 1.33 18.87 -16.72
C ALA A 111 0.19 18.76 -15.77
N SER A 112 0.20 17.75 -14.90
CA SER A 112 -0.93 17.55 -14.00
C SER A 112 -0.89 18.47 -12.82
N GLY A 113 -2.05 18.76 -12.28
CA GLY A 113 -2.09 19.69 -11.18
C GLY A 113 -1.33 19.02 -10.06
N PRO A 114 -0.92 19.79 -9.05
CA PRO A 114 -0.12 19.40 -7.89
C PRO A 114 -0.69 18.19 -7.19
N ILE A 115 0.15 17.40 -6.52
CA ILE A 115 -0.29 16.14 -5.92
C ILE A 115 -0.97 16.33 -4.57
N LEU A 116 -1.73 15.34 -4.12
CA LEU A 116 -2.49 15.46 -2.89
C LEU A 116 -1.74 14.78 -1.80
N ARG A 117 -1.64 15.40 -0.64
CA ARG A 117 -1.05 14.68 0.49
C ARG A 117 -2.10 14.26 1.51
N PRO A 118 -2.72 13.09 1.32
CA PRO A 118 -3.88 12.70 2.12
C PRO A 118 -3.48 12.68 3.55
N ASP A 119 -4.42 12.58 4.48
CA ASP A 119 -4.10 12.77 5.89
C ASP A 119 -3.48 11.51 6.49
N ARG A 120 -2.61 11.67 7.48
CA ARG A 120 -1.99 10.49 8.04
C ARG A 120 -3.11 9.78 8.71
N PRO A 121 -3.30 8.47 8.44
CA PRO A 121 -4.35 7.68 9.13
C PRO A 121 -4.26 7.90 10.63
N GLN A 122 -5.35 7.71 11.34
CA GLN A 122 -5.35 8.26 12.69
C GLN A 122 -4.63 7.39 13.66
N LYS A 123 -5.03 6.15 13.76
CA LYS A 123 -4.39 5.21 14.63
C LYS A 123 -3.67 4.15 13.81
N PRO A 124 -2.84 3.36 14.48
CA PRO A 124 -2.33 2.17 13.82
C PRO A 124 -3.44 1.19 13.53
N PHE A 125 -3.37 0.55 12.38
CA PHE A 125 -4.33 -0.48 11.99
C PHE A 125 -5.56 0.05 11.32
N ASP A 126 -5.61 1.38 11.16
CA ASP A 126 -6.67 1.98 10.37
C ASP A 126 -6.45 1.62 8.91
N LYS A 127 -5.24 1.80 8.41
CA LYS A 127 -4.93 1.46 7.02
C LYS A 127 -3.61 0.74 6.90
N PHE A 128 -3.60 -0.32 6.10
CA PHE A 128 -2.37 -1.04 5.81
C PHE A 128 -2.10 -0.91 4.35
N PHE A 129 -0.87 -0.56 3.97
CA PHE A 129 -0.51 -0.65 2.57
C PHE A 129 0.30 -1.90 2.28
N ILE A 130 0.17 -2.39 1.05
CA ILE A 130 0.86 -3.61 0.66
C ILE A 130 1.19 -3.65 -0.83
N ASP A 131 2.44 -3.97 -1.07
CA ASP A 131 2.89 -4.20 -2.39
C ASP A 131 3.72 -5.49 -2.41
N TYR A 132 4.02 -5.97 -3.61
CA TYR A 132 5.00 -7.02 -3.78
C TYR A 132 6.22 -6.46 -4.52
N ILE A 133 7.37 -6.71 -3.88
CA ILE A 133 8.71 -6.52 -4.46
C ILE A 133 9.15 -7.82 -5.17
N GLY A 134 9.64 -7.70 -6.40
CA GLY A 134 10.20 -8.85 -7.06
C GLY A 134 10.03 -8.79 -8.56
N PRO A 135 10.53 -9.83 -9.24
CA PRO A 135 11.22 -10.95 -8.60
C PRO A 135 12.61 -10.60 -8.21
N LEU A 136 13.25 -11.48 -7.44
CA LEU A 136 14.60 -11.30 -6.94
C LEU A 136 15.52 -12.51 -7.27
N PRO A 137 16.78 -12.47 -6.77
CA PRO A 137 17.71 -13.60 -6.81
C PRO A 137 17.30 -14.74 -5.88
N PRO A 138 16.90 -15.88 -6.45
CA PRO A 138 16.54 -16.96 -5.54
C PRO A 138 17.47 -17.04 -4.35
N SER A 139 16.85 -16.84 -3.18
CA SER A 139 17.44 -17.21 -1.93
C SER A 139 16.53 -18.23 -1.33
N GLN A 140 17.06 -19.43 -1.09
CA GLN A 140 16.31 -20.49 -0.44
C GLN A 140 14.99 -20.71 -1.18
N GLY A 141 15.04 -20.51 -2.49
CA GLY A 141 13.89 -20.83 -3.30
C GLY A 141 12.79 -19.82 -3.18
N TYR A 142 13.02 -18.79 -2.38
CA TYR A 142 12.07 -17.70 -2.30
C TYR A 142 12.43 -16.65 -3.32
N LEU A 143 11.47 -15.82 -3.67
CA LEU A 143 11.54 -15.08 -4.91
C LEU A 143 10.90 -13.70 -4.86
N TYR A 144 9.91 -13.52 -4.00
CA TYR A 144 9.34 -12.21 -3.86
C TYR A 144 9.25 -11.87 -2.40
N VAL A 145 8.93 -10.60 -2.17
CA VAL A 145 8.56 -10.18 -0.84
C VAL A 145 7.25 -9.44 -0.84
N LEU A 146 6.51 -9.70 0.24
CA LEU A 146 5.28 -9.04 0.56
C LEU A 146 5.56 -8.00 1.61
N VAL A 147 5.40 -6.73 1.27
CA VAL A 147 5.72 -5.71 2.21
C VAL A 147 4.43 -5.08 2.64
N VAL A 148 4.30 -4.91 3.96
CA VAL A 148 3.11 -4.39 4.59
C VAL A 148 3.44 -3.26 5.52
N VAL A 149 2.98 -2.07 5.17
CA VAL A 149 3.30 -0.94 6.00
C VAL A 149 2.06 -0.47 6.64
N ASP A 150 2.12 -0.28 7.94
CA ASP A 150 0.99 0.36 8.56
C ASP A 150 1.03 1.82 8.16
N GLY A 151 -0.13 2.32 7.77
CA GLY A 151 -0.26 3.70 7.40
C GLY A 151 0.19 4.58 8.52
N MET A 152 -0.62 4.72 9.56
CA MET A 152 -0.32 5.69 10.60
C MET A 152 1.16 5.69 11.02
N THR A 153 1.67 4.51 11.40
CA THR A 153 2.94 4.40 12.13
C THR A 153 4.14 4.18 11.25
N GLY A 154 3.94 3.52 10.11
CA GLY A 154 5.05 3.17 9.25
C GLY A 154 5.70 1.88 9.69
N PHE A 155 5.14 1.26 10.71
CA PHE A 155 5.67 -0.01 11.13
C PHE A 155 5.41 -1.02 10.05
N THR A 156 6.30 -1.99 9.90
CA THR A 156 6.42 -2.71 8.63
C THR A 156 6.70 -4.17 8.77
N TRP A 157 6.03 -4.96 7.95
CA TRP A 157 6.25 -6.39 8.03
C TRP A 157 6.74 -6.91 6.71
N LEU A 158 7.70 -7.82 6.75
CA LEU A 158 8.14 -8.52 5.56
C LEU A 158 7.87 -10.01 5.64
N TYR A 159 7.48 -10.56 4.48
CA TYR A 159 7.17 -11.98 4.29
C TYR A 159 7.71 -12.40 2.95
N PRO A 160 8.69 -13.31 2.94
CA PRO A 160 9.38 -13.81 1.74
C PRO A 160 8.57 -14.85 1.05
N THR A 161 8.26 -14.69 -0.23
CA THR A 161 7.35 -15.64 -0.87
C THR A 161 7.88 -16.17 -2.20
N LYS A 162 7.39 -17.34 -2.59
CA LYS A 162 7.81 -17.95 -3.83
C LYS A 162 7.10 -17.29 -5.06
N ALA A 163 5.87 -16.80 -4.90
CA ALA A 163 5.25 -15.97 -5.96
C ALA A 163 4.51 -14.74 -5.44
N PRO A 164 3.93 -13.97 -6.36
CA PRO A 164 3.15 -12.80 -5.94
C PRO A 164 1.71 -13.19 -6.10
N SER A 165 1.31 -14.19 -5.31
CA SER A 165 0.07 -14.95 -5.48
C SER A 165 -0.95 -14.69 -4.38
N THR A 166 -2.22 -14.64 -4.75
CA THR A 166 -3.28 -14.62 -3.75
C THR A 166 -2.96 -15.68 -2.72
N SER A 167 -2.73 -16.90 -3.18
CA SER A 167 -2.28 -17.97 -2.30
C SER A 167 -1.33 -17.54 -1.15
N ALA A 168 -0.13 -17.09 -1.49
CA ALA A 168 0.85 -16.77 -0.47
C ALA A 168 0.62 -15.35 0.12
N THR A 169 -0.18 -14.53 -0.56
CA THR A 169 -0.53 -13.23 0.03
C THR A 169 -1.35 -13.44 1.29
N VAL A 170 -2.19 -14.47 1.21
CA VAL A 170 -3.09 -14.77 2.30
C VAL A 170 -2.32 -15.43 3.43
N LYS A 171 -1.71 -16.57 3.13
CA LYS A 171 -0.91 -17.29 4.11
C LYS A 171 -0.31 -16.30 5.12
N SER A 172 0.20 -15.17 4.61
CA SER A 172 1.01 -14.22 5.38
C SER A 172 0.19 -13.33 6.31
N LEU A 173 -0.77 -12.61 5.73
CA LEU A 173 -1.73 -11.80 6.50
C LEU A 173 -2.52 -12.57 7.60
N ASN A 174 -2.59 -13.90 7.43
CA ASN A 174 -3.15 -14.78 8.44
C ASN A 174 -2.23 -14.84 9.64
N VAL A 175 -0.94 -14.62 9.43
CA VAL A 175 -0.04 -14.52 10.56
C VAL A 175 -0.10 -13.12 11.06
N LEU A 176 -0.25 -12.19 10.14
CA LEU A 176 -0.28 -10.80 10.53
C LEU A 176 -1.54 -10.54 11.35
N THR A 177 -2.69 -10.88 10.82
CA THR A 177 -3.88 -10.58 11.57
C THR A 177 -4.00 -11.35 12.89
N SER A 178 -3.05 -12.23 13.21
CA SER A 178 -2.88 -12.70 14.59
C SER A 178 -2.68 -11.55 15.59
N ILE A 179 -1.85 -10.58 15.21
CA ILE A 179 -1.54 -9.48 16.12
C ILE A 179 -2.75 -8.59 16.21
N ALA A 180 -3.14 -8.06 15.07
CA ALA A 180 -4.38 -7.36 15.05
C ALA A 180 -5.00 -7.37 13.67
N ILE A 181 -6.24 -6.93 13.60
CA ILE A 181 -6.90 -6.84 12.32
C ILE A 181 -7.07 -5.38 11.99
N PRO A 182 -6.71 -5.02 10.74
CA PRO A 182 -6.84 -3.68 10.15
C PRO A 182 -8.21 -3.45 9.53
N LYS A 183 -8.57 -2.19 9.34
CA LYS A 183 -9.88 -1.81 8.80
C LYS A 183 -9.89 -1.81 7.27
N VAL A 184 -8.84 -1.24 6.71
CA VAL A 184 -8.72 -1.14 5.28
C VAL A 184 -7.41 -1.72 4.85
N ILE A 185 -7.31 -2.10 3.59
CA ILE A 185 -6.04 -2.48 3.02
C ILE A 185 -5.93 -1.86 1.64
N HIS A 186 -4.84 -1.12 1.42
CA HIS A 186 -4.66 -0.48 0.14
C HIS A 186 -3.70 -1.30 -0.67
N SER A 187 -3.95 -1.45 -1.96
CA SER A 187 -3.00 -2.15 -2.77
C SER A 187 -2.96 -1.65 -4.20
N ASP A 188 -1.90 -2.05 -4.95
CA ASP A 188 -1.92 -1.97 -6.44
C ASP A 188 -2.91 -3.00 -6.98
N GLN A 189 -3.61 -2.65 -8.05
CA GLN A 189 -4.58 -3.56 -8.66
C GLN A 189 -3.91 -4.79 -9.23
N GLY A 190 -2.75 -5.14 -8.69
CA GLY A 190 -2.04 -6.29 -9.15
C GLY A 190 -2.76 -7.60 -8.96
N ALA A 191 -2.40 -8.53 -9.84
CA ALA A 191 -3.03 -9.85 -9.99
C ALA A 191 -3.42 -10.60 -8.70
N ALA A 192 -2.74 -10.27 -7.61
CA ALA A 192 -2.78 -11.07 -6.42
C ALA A 192 -3.68 -10.46 -5.41
N PHE A 193 -4.00 -9.20 -5.62
CA PHE A 193 -4.83 -8.46 -4.69
C PHE A 193 -6.23 -8.25 -5.24
N THR A 194 -6.38 -8.47 -6.54
CA THR A 194 -7.66 -8.33 -7.21
C THR A 194 -8.33 -9.66 -7.41
N SER A 195 -7.69 -10.73 -6.98
CA SER A 195 -8.33 -12.03 -7.08
C SER A 195 -9.65 -11.92 -6.32
N SER A 196 -10.56 -12.83 -6.70
CA SER A 196 -11.88 -12.97 -6.16
C SER A 196 -11.74 -13.53 -4.78
N THR A 197 -10.82 -14.48 -4.72
CA THR A 197 -10.44 -15.20 -3.51
C THR A 197 -9.93 -14.35 -2.40
N PHE A 198 -9.36 -13.21 -2.75
CA PHE A 198 -8.82 -12.31 -1.75
C PHE A 198 -9.97 -11.50 -1.18
N ALA A 199 -10.86 -10.99 -2.04
CA ALA A 199 -12.04 -10.27 -1.54
C ALA A 199 -12.72 -11.07 -0.42
N GLU A 200 -12.86 -12.38 -0.65
CA GLU A 200 -13.49 -13.28 0.30
C GLU A 200 -12.69 -13.32 1.57
N TRP A 201 -11.37 -13.50 1.44
CA TRP A 201 -10.48 -13.48 2.60
C TRP A 201 -10.77 -12.26 3.51
N ALA A 202 -10.97 -11.12 2.87
CA ALA A 202 -11.07 -9.83 3.55
C ALA A 202 -12.49 -9.53 4.02
N LYS A 203 -13.47 -9.99 3.25
CA LYS A 203 -14.86 -9.88 3.69
C LYS A 203 -14.97 -10.64 5.01
N GLU A 204 -14.69 -11.94 4.93
CA GLU A 204 -14.56 -12.82 6.09
C GLU A 204 -14.12 -12.09 7.34
N ARG A 205 -13.08 -11.27 7.25
CA ARG A 205 -12.53 -10.60 8.44
C ARG A 205 -13.05 -9.17 8.67
N GLY A 206 -13.76 -8.64 7.67
CA GLY A 206 -14.36 -7.34 7.80
C GLY A 206 -13.25 -6.34 7.62
N ILE A 207 -12.64 -6.43 6.45
CA ILE A 207 -11.54 -5.59 6.05
C ILE A 207 -11.93 -4.96 4.73
N HIS A 208 -11.99 -3.62 4.66
CA HIS A 208 -12.43 -3.01 3.40
C HIS A 208 -11.23 -2.98 2.48
N LEU A 209 -11.40 -3.58 1.30
CA LEU A 209 -10.40 -3.49 0.25
C LEU A 209 -10.55 -2.24 -0.61
N GLU A 210 -9.47 -1.47 -0.66
CA GLU A 210 -9.40 -0.26 -1.47
C GLU A 210 -8.10 -0.28 -2.29
N PHE A 211 -8.21 0.17 -3.54
CA PHE A 211 -7.18 -0.03 -4.56
C PHE A 211 -6.61 1.23 -5.21
N SER A 212 -5.30 1.26 -5.47
CA SER A 212 -4.75 2.35 -6.25
C SER A 212 -5.46 2.34 -7.57
N THR A 213 -5.70 3.53 -8.13
CA THR A 213 -6.10 3.62 -9.53
C THR A 213 -5.12 2.73 -10.32
N PRO A 214 -5.44 2.42 -11.57
CA PRO A 214 -4.49 1.47 -12.13
C PRO A 214 -3.32 2.19 -12.73
N TYR A 215 -2.19 1.49 -12.73
CA TYR A 215 -0.92 2.00 -13.26
C TYR A 215 -0.46 3.34 -12.65
N HIS A 216 -0.32 3.32 -11.33
CA HIS A 216 -0.05 4.52 -10.59
C HIS A 216 0.32 4.05 -9.23
N PRO A 217 1.62 4.01 -8.97
CA PRO A 217 2.04 3.60 -7.64
C PRO A 217 2.22 4.78 -6.73
N GLN A 218 2.25 6.02 -7.23
CA GLN A 218 2.22 7.17 -6.31
C GLN A 218 1.16 6.86 -5.24
N SER A 219 0.05 6.25 -5.68
CA SER A 219 -1.06 6.03 -4.79
C SER A 219 -0.68 5.03 -3.72
N SER A 220 -0.06 3.90 -4.08
CA SER A 220 0.30 2.93 -3.04
C SER A 220 1.62 3.30 -2.39
N GLY A 221 2.08 4.52 -2.61
CA GLY A 221 3.47 4.91 -2.39
C GLY A 221 4.01 5.01 -0.97
N LYS A 222 3.21 4.69 0.02
CA LYS A 222 3.69 4.82 1.38
C LYS A 222 4.60 3.67 1.49
N VAL A 223 4.13 2.56 0.92
CA VAL A 223 4.92 1.35 0.78
C VAL A 223 5.92 1.51 -0.39
N GLU A 224 5.52 1.96 -1.58
CA GLU A 224 6.53 1.96 -2.63
C GLU A 224 7.77 2.60 -2.03
N ARG A 225 7.58 3.55 -1.14
CA ARG A 225 8.71 4.24 -0.55
C ARG A 225 9.39 3.44 0.52
N LYS A 226 8.64 2.56 1.14
CA LYS A 226 9.21 1.67 2.12
C LYS A 226 9.94 0.56 1.38
N ASN A 227 9.64 0.37 0.10
CA ASN A 227 10.38 -0.62 -0.69
C ASN A 227 11.76 -0.13 -1.04
N SER A 228 11.83 1.13 -1.38
CA SER A 228 13.09 1.73 -1.70
C SER A 228 13.93 1.53 -0.50
N ASP A 229 13.42 1.91 0.65
CA ASP A 229 14.30 1.89 1.77
C ASP A 229 14.69 0.48 2.14
N ILE A 230 13.95 -0.50 1.66
CA ILE A 230 14.30 -1.89 2.00
C ILE A 230 15.40 -2.43 1.09
N LYS A 231 15.07 -2.59 -0.19
CA LYS A 231 16.05 -2.89 -1.22
C LYS A 231 17.35 -2.14 -0.81
N ARG A 232 17.30 -0.84 -0.45
CA ARG A 232 18.54 -0.06 -0.15
C ARG A 232 19.42 -0.76 0.87
N LEU A 233 18.88 -0.95 2.08
CA LEU A 233 19.60 -1.61 3.18
C LEU A 233 20.11 -3.04 2.95
N LEU A 234 19.45 -3.87 2.16
CA LEU A 234 20.04 -5.16 1.81
C LEU A 234 21.28 -4.91 0.96
N THR A 235 21.13 -4.11 -0.08
CA THR A 235 22.25 -3.94 -0.96
C THR A 235 23.52 -3.54 -0.19
N LYS A 236 23.33 -2.87 0.93
CA LYS A 236 24.41 -2.50 1.82
C LYS A 236 24.96 -3.71 2.58
N LEU A 237 24.05 -4.61 2.94
CA LEU A 237 24.43 -5.77 3.73
C LEU A 237 24.88 -6.92 2.89
N LEU A 238 24.81 -6.78 1.59
CA LEU A 238 25.19 -7.89 0.76
C LEU A 238 26.17 -7.30 -0.20
N VAL A 239 27.07 -6.46 0.29
CA VAL A 239 28.14 -6.11 -0.61
C VAL A 239 29.15 -7.19 -0.37
N GLY A 240 29.88 -7.59 -1.42
CA GLY A 240 30.96 -8.58 -1.32
C GLY A 240 30.50 -9.83 -0.61
N ARG A 241 29.25 -10.17 -0.89
CA ARG A 241 28.68 -11.37 -0.36
C ARG A 241 27.64 -11.69 -1.38
N PRO A 242 27.42 -12.99 -1.64
CA PRO A 242 26.33 -13.46 -2.49
C PRO A 242 25.00 -12.98 -1.95
N THR A 243 24.04 -12.75 -2.84
CA THR A 243 22.71 -12.28 -2.46
C THR A 243 21.84 -13.38 -1.80
N LYS A 244 22.14 -13.65 -0.54
CA LYS A 244 21.39 -14.59 0.27
C LYS A 244 20.53 -13.73 1.21
N TRP A 245 19.49 -13.15 0.62
CA TRP A 245 18.66 -12.18 1.31
C TRP A 245 17.61 -12.77 2.25
N TYR A 246 17.10 -13.94 1.91
CA TYR A 246 16.09 -14.59 2.71
C TYR A 246 16.36 -14.41 4.21
N ASP A 247 17.63 -14.57 4.58
CA ASP A 247 17.99 -14.64 5.97
C ASP A 247 18.05 -13.31 6.67
N LEU A 248 18.05 -12.24 5.92
CA LEU A 248 18.12 -10.91 6.51
C LEU A 248 16.76 -10.30 6.75
N LEU A 249 15.78 -10.78 6.00
CA LEU A 249 14.47 -10.23 6.06
C LEU A 249 14.13 -9.88 7.49
N PRO A 250 14.26 -10.83 8.42
CA PRO A 250 14.11 -10.55 9.85
C PRO A 250 14.93 -9.35 10.30
N VAL A 251 16.25 -9.44 10.22
CA VAL A 251 17.05 -8.31 10.68
C VAL A 251 16.70 -6.94 10.07
N VAL A 252 16.50 -6.91 8.77
CA VAL A 252 15.98 -5.73 8.14
C VAL A 252 14.66 -5.25 8.77
N GLN A 253 13.65 -6.11 8.80
CA GLN A 253 12.37 -5.74 9.38
C GLN A 253 12.62 -5.03 10.67
N LEU A 254 13.36 -5.69 11.55
CA LEU A 254 13.62 -5.13 12.87
C LEU A 254 14.25 -3.76 12.74
N ALA A 255 15.21 -3.70 11.81
CA ALA A 255 16.06 -2.54 11.63
C ALA A 255 15.30 -1.24 11.45
N LEU A 256 14.28 -1.31 10.60
CA LEU A 256 13.67 -0.10 10.06
C LEU A 256 12.61 0.39 11.00
N ASN A 257 11.77 -0.54 11.42
CA ASN A 257 10.81 -0.26 12.46
C ASN A 257 11.50 0.38 13.64
N ASN A 258 12.72 0.02 13.94
CA ASN A 258 13.37 0.72 15.01
C ASN A 258 14.32 1.87 14.64
N THR A 259 14.00 2.62 13.58
CA THR A 259 14.89 3.71 13.10
C THR A 259 14.27 5.09 12.87
N TYR A 260 14.88 6.12 13.47
CA TYR A 260 14.29 7.47 13.42
C TYR A 260 14.04 7.96 12.00
N SER A 261 12.85 8.51 11.76
CA SER A 261 12.66 9.37 10.60
C SER A 261 12.97 10.76 11.05
N PRO A 262 14.03 11.37 10.52
CA PRO A 262 14.63 12.59 11.06
C PRO A 262 13.61 13.68 11.32
N VAL A 263 12.64 13.68 10.40
CA VAL A 263 11.62 14.72 10.34
C VAL A 263 10.46 14.57 11.32
N LEU A 264 10.35 13.41 11.95
CA LEU A 264 9.35 13.18 12.97
C LEU A 264 10.07 13.12 14.30
N LYS A 265 11.26 12.53 14.26
CA LYS A 265 12.03 12.21 15.43
C LYS A 265 11.42 11.03 16.23
N TYR A 266 10.91 10.03 15.51
CA TYR A 266 10.39 8.81 16.12
C TYR A 266 10.63 7.64 15.20
N THR A 267 10.79 6.43 15.76
CA THR A 267 10.93 5.21 14.97
C THR A 267 9.57 4.58 14.81
N PRO A 268 9.36 3.91 13.71
CA PRO A 268 8.02 3.35 13.53
C PRO A 268 7.65 2.49 14.69
N HIS A 269 8.64 1.89 15.31
CA HIS A 269 8.40 1.02 16.42
C HIS A 269 7.76 1.81 17.53
N GLN A 270 8.37 2.93 17.90
CA GLN A 270 7.85 3.80 18.97
C GLN A 270 6.45 4.38 18.67
N LEU A 271 6.26 4.94 17.48
CA LEU A 271 4.96 5.38 17.07
C LEU A 271 3.91 4.32 17.30
N LEU A 272 4.25 3.05 17.09
CA LEU A 272 3.28 1.98 17.29
C LEU A 272 3.17 1.45 18.76
N PHE A 273 4.21 1.55 19.59
CA PHE A 273 4.18 1.00 20.97
C PHE A 273 4.31 2.05 22.09
N GLY A 274 5.06 3.11 21.82
CA GLY A 274 5.37 4.09 22.82
C GLY A 274 6.55 3.68 23.68
N ILE A 275 7.17 2.54 23.40
CA ILE A 275 8.41 2.23 24.11
C ILE A 275 9.34 1.42 23.24
N ASP A 276 10.63 1.73 23.28
CA ASP A 276 11.60 0.99 22.48
C ASP A 276 11.61 -0.38 23.15
N SER A 277 11.94 -1.45 22.41
CA SER A 277 12.07 -2.74 23.08
C SER A 277 13.51 -2.83 23.55
N ASN A 278 13.98 -4.02 23.82
CA ASN A 278 15.34 -4.18 24.27
C ASN A 278 16.23 -4.20 23.04
N THR A 279 16.12 -3.13 22.27
CA THR A 279 17.01 -2.93 21.15
C THR A 279 18.16 -2.00 21.62
N PRO A 280 19.21 -1.89 20.77
CA PRO A 280 20.33 -0.97 20.97
C PRO A 280 19.91 0.48 20.99
N PHE A 281 20.62 1.28 21.77
CA PHE A 281 20.30 2.68 21.96
C PHE A 281 18.80 2.84 22.17
N ALA A 282 18.23 1.95 22.95
CA ALA A 282 16.83 2.06 23.28
C ALA A 282 16.65 3.40 23.98
N ASN A 283 15.66 4.16 23.53
CA ASN A 283 15.41 5.49 24.08
C ASN A 283 14.79 5.44 25.45
N GLN A 284 15.37 6.19 26.39
CA GLN A 284 15.03 6.10 27.83
C GLN A 284 13.93 7.02 28.27
N ASP A 285 14.06 8.27 27.88
CA ASP A 285 13.17 9.34 28.32
C ASP A 285 11.98 8.85 29.22
N THR A 286 10.92 8.28 28.67
CA THR A 286 9.73 7.93 29.48
C THR A 286 9.85 6.79 30.49
N LEU A 287 11.02 6.61 31.08
CA LEU A 287 11.26 5.45 31.91
C LEU A 287 10.29 5.48 33.06
N ASP A 288 10.00 6.71 33.48
CA ASP A 288 9.50 6.97 34.81
C ASP A 288 8.01 7.18 34.91
N LEU A 289 7.32 7.21 33.79
CA LEU A 289 5.89 7.32 33.84
C LEU A 289 5.37 5.92 33.78
N THR A 290 4.29 5.68 34.51
CA THR A 290 3.53 4.45 34.34
C THR A 290 3.13 4.31 32.90
N ARG A 291 2.74 3.10 32.53
CA ARG A 291 2.33 2.84 31.17
C ARG A 291 1.24 3.78 30.77
N GLU A 292 0.35 3.99 31.73
CA GLU A 292 -0.79 4.88 31.58
C GLU A 292 -0.31 6.23 31.10
N GLU A 293 0.71 6.76 31.76
CA GLU A 293 1.17 8.09 31.48
C GLU A 293 1.78 8.13 30.09
N GLU A 294 2.69 7.20 29.82
CA GLU A 294 3.17 6.94 28.46
C GLU A 294 2.03 6.92 27.46
N LEU A 295 1.18 5.89 27.55
CA LEU A 295 0.11 5.65 26.56
C LEU A 295 -0.73 6.86 26.13
N SER A 296 -0.84 7.85 27.02
CA SER A 296 -1.67 9.03 26.76
C SER A 296 -0.85 10.03 26.01
N LEU A 297 0.39 10.17 26.45
CA LEU A 297 1.35 10.96 25.70
C LEU A 297 1.51 10.45 24.26
N LEU A 298 1.40 9.14 24.08
CA LEU A 298 1.43 8.58 22.75
C LEU A 298 0.28 9.18 21.90
N GLN A 299 -0.96 9.01 22.35
CA GLN A 299 -2.09 9.63 21.67
C GLN A 299 -1.79 11.09 21.41
N GLU A 300 -0.97 11.70 22.25
CA GLU A 300 -0.59 13.08 22.04
C GLU A 300 0.36 13.19 20.85
N ILE A 301 1.56 12.64 20.95
CA ILE A 301 2.46 12.65 19.81
C ILE A 301 1.79 12.30 18.49
N ARG A 302 1.20 11.11 18.47
CA ARG A 302 0.64 10.55 17.27
C ARG A 302 -0.19 11.53 16.45
N THR A 303 -0.83 12.46 17.14
CA THR A 303 -1.80 13.29 16.49
C THR A 303 -1.12 14.50 16.01
N SER A 304 -0.12 14.92 16.78
CA SER A 304 0.60 16.15 16.48
C SER A 304 1.88 15.82 15.78
N LEU A 305 1.74 15.14 14.64
CA LEU A 305 2.86 14.63 13.87
C LEU A 305 2.90 15.39 12.63
N TYR A 306 4.10 15.73 12.19
CA TYR A 306 4.27 16.50 10.96
C TYR A 306 3.42 16.01 9.82
N HIS A 307 2.95 16.94 9.05
CA HIS A 307 2.17 16.48 7.95
C HIS A 307 2.18 17.51 6.86
N PRO A 308 2.66 17.10 5.69
CA PRO A 308 3.10 17.90 4.58
C PRO A 308 1.92 18.45 3.86
N SER A 309 2.14 19.54 3.16
CA SER A 309 1.06 20.19 2.48
C SER A 309 1.20 19.93 1.00
N THR A 310 0.27 20.49 0.24
CA THR A 310 0.30 20.36 -1.19
C THR A 310 1.25 21.42 -1.77
N PRO A 311 2.10 20.97 -2.70
CA PRO A 311 2.99 21.83 -3.48
C PRO A 311 2.27 22.81 -4.36
N PRO A 312 2.99 23.83 -4.78
CA PRO A 312 2.44 24.69 -5.84
C PRO A 312 2.29 23.95 -7.19
N ALA A 313 1.24 24.32 -7.93
CA ALA A 313 0.98 23.79 -9.27
C ALA A 313 2.01 24.30 -10.23
N SER A 314 2.17 23.58 -11.32
CA SER A 314 3.16 23.93 -12.31
C SER A 314 2.62 25.04 -13.18
N SER A 315 3.55 25.76 -13.80
CA SER A 315 3.22 26.95 -14.58
C SER A 315 2.08 26.61 -15.53
N ARG A 316 2.14 25.39 -16.04
CA ARG A 316 1.22 24.97 -17.06
C ARG A 316 0.68 23.61 -16.77
N SER A 317 -0.12 23.53 -15.71
CA SER A 317 -0.76 22.29 -15.32
C SER A 317 -2.19 22.42 -15.76
N TRP A 318 -2.96 21.35 -15.58
CA TRP A 318 -4.39 21.41 -15.82
C TRP A 318 -5.00 20.65 -14.70
N SER A 319 -6.19 21.07 -14.29
CA SER A 319 -7.04 20.18 -13.51
C SER A 319 -8.29 19.84 -14.35
N PRO A 320 -9.06 18.83 -13.90
CA PRO A 320 -10.04 18.16 -14.76
C PRO A 320 -11.50 18.61 -14.54
N VAL A 321 -12.08 19.35 -15.49
CA VAL A 321 -13.48 19.75 -15.38
C VAL A 321 -14.37 18.54 -15.62
N VAL A 322 -15.65 18.60 -15.27
CA VAL A 322 -16.55 17.51 -15.65
C VAL A 322 -17.04 17.57 -17.10
N GLY A 323 -17.16 16.39 -17.70
CA GLY A 323 -17.63 16.24 -19.06
C GLY A 323 -16.61 16.67 -20.09
N GLN A 324 -15.41 16.96 -19.61
CA GLN A 324 -14.28 17.31 -20.45
C GLN A 324 -13.85 16.12 -21.31
N LEU A 325 -13.19 16.43 -22.38
CA LEU A 325 -12.62 15.43 -23.23
C LEU A 325 -11.19 15.17 -22.80
N VAL A 326 -10.90 13.90 -22.50
CA VAL A 326 -9.58 13.50 -22.00
C VAL A 326 -9.29 12.13 -22.53
N GLN A 327 -8.04 11.65 -22.44
CA GLN A 327 -7.66 10.33 -22.97
C GLN A 327 -6.74 9.56 -22.02
N GLU A 328 -6.94 8.25 -21.93
CA GLU A 328 -6.16 7.41 -20.99
C GLU A 328 -4.87 6.89 -21.62
N ARG A 329 -3.80 6.80 -20.84
CA ARG A 329 -2.54 6.41 -21.45
C ARG A 329 -2.57 4.96 -21.81
N VAL A 330 -1.95 4.61 -22.91
CA VAL A 330 -2.03 3.24 -23.36
C VAL A 330 -1.36 2.27 -22.40
N ALA A 331 -2.08 1.18 -22.15
CA ALA A 331 -1.61 0.08 -21.27
C ALA A 331 -0.05 -0.02 -21.13
N ARG A 332 0.51 -1.05 -21.77
CA ARG A 332 1.90 -1.04 -22.16
C ARG A 332 1.86 -1.05 -23.66
N PRO A 333 2.03 0.11 -24.29
CA PRO A 333 1.83 0.19 -25.73
C PRO A 333 2.86 -0.64 -26.36
N ALA A 334 2.58 -1.19 -27.53
CA ALA A 334 3.57 -1.92 -28.34
C ALA A 334 4.39 -0.90 -29.06
N SER A 335 5.32 -1.32 -29.91
CA SER A 335 6.08 -0.29 -30.61
C SER A 335 5.44 -0.12 -31.92
N LEU A 336 5.26 1.17 -32.19
CA LEU A 336 4.58 1.74 -33.37
C LEU A 336 3.06 1.79 -33.16
N ARG A 337 2.73 1.90 -31.89
CA ARG A 337 1.36 1.88 -31.50
C ARG A 337 1.12 3.09 -30.63
N PRO A 338 0.02 3.80 -30.87
CA PRO A 338 -0.24 5.07 -30.22
C PRO A 338 -0.15 4.96 -28.76
N ARG A 339 0.39 5.99 -28.15
CA ARG A 339 0.73 5.91 -26.75
C ARG A 339 -0.50 6.40 -25.95
N TRP A 340 -1.60 6.70 -26.64
CA TRP A 340 -2.87 7.18 -26.03
C TRP A 340 -4.15 6.49 -26.53
N HIS A 341 -5.12 6.27 -25.65
CA HIS A 341 -6.41 5.71 -26.09
C HIS A 341 -7.28 6.80 -26.70
N LYS A 342 -8.36 6.39 -27.37
CA LYS A 342 -9.25 7.33 -28.07
C LYS A 342 -9.87 8.20 -27.00
N PRO A 343 -10.42 9.35 -27.39
CA PRO A 343 -10.89 10.24 -26.31
C PRO A 343 -12.07 9.68 -25.49
N SER A 344 -12.48 10.42 -24.44
CA SER A 344 -13.45 9.94 -23.45
C SER A 344 -13.87 11.12 -22.62
N THR A 345 -14.88 10.90 -21.79
CA THR A 345 -15.53 12.02 -21.12
C THR A 345 -15.49 11.88 -19.61
N VAL A 346 -15.13 12.98 -18.97
CA VAL A 346 -14.97 12.96 -17.54
C VAL A 346 -16.34 12.97 -16.90
N LEU A 347 -16.74 11.83 -16.32
CA LEU A 347 -18.03 11.75 -15.61
C LEU A 347 -17.95 12.43 -14.27
N LYS A 348 -17.38 11.78 -13.26
CA LYS A 348 -17.27 12.42 -11.97
C LYS A 348 -15.82 12.75 -11.71
N VAL A 349 -15.60 13.79 -10.91
CA VAL A 349 -14.28 14.15 -10.41
C VAL A 349 -14.13 13.76 -8.93
N LEU A 350 -13.55 12.62 -8.61
CA LEU A 350 -13.46 12.23 -7.20
C LEU A 350 -12.57 13.15 -6.34
N ASN A 351 -11.65 13.88 -6.99
CA ASN A 351 -10.72 14.85 -6.36
C ASN A 351 -9.79 15.31 -7.47
N PRO A 352 -9.16 16.46 -7.31
CA PRO A 352 -8.43 17.09 -8.41
C PRO A 352 -7.38 16.19 -9.13
N ARG A 353 -7.17 14.99 -8.61
CA ARG A 353 -6.14 14.07 -9.11
C ARG A 353 -6.72 12.72 -9.51
N THR A 354 -7.98 12.49 -9.17
CA THR A 354 -8.63 11.24 -9.51
C THR A 354 -9.96 11.52 -10.14
N VAL A 355 -10.22 10.94 -11.30
CA VAL A 355 -11.50 11.14 -11.92
C VAL A 355 -12.01 9.85 -12.41
N VAL A 356 -13.31 9.87 -12.71
CA VAL A 356 -14.02 8.77 -13.34
C VAL A 356 -14.41 9.14 -14.73
N ILE A 357 -14.04 8.25 -15.63
CA ILE A 357 -14.26 8.53 -17.01
C ILE A 357 -14.96 7.36 -17.64
N LEU A 358 -15.70 7.74 -18.67
CA LEU A 358 -16.32 6.81 -19.56
C LEU A 358 -15.62 6.86 -20.91
N ASP A 359 -15.13 5.71 -21.37
CA ASP A 359 -14.60 5.67 -22.73
C ASP A 359 -15.68 5.28 -23.74
N HIS A 360 -15.35 5.29 -25.02
CA HIS A 360 -16.27 4.88 -26.10
C HIS A 360 -16.60 3.37 -26.12
N LEU A 361 -16.06 2.61 -25.16
CA LEU A 361 -16.16 1.14 -25.12
C LEU A 361 -17.59 0.61 -24.88
N GLY A 362 -18.29 1.13 -23.87
CA GLY A 362 -17.76 2.18 -23.02
C GLY A 362 -18.20 2.03 -21.58
N ASN A 363 -17.28 1.55 -20.74
CA ASN A 363 -17.54 1.39 -19.30
C ASN A 363 -16.97 2.55 -18.51
N ASN A 364 -17.19 2.53 -17.20
CA ASN A 364 -16.72 3.58 -16.31
C ASN A 364 -15.38 3.20 -15.75
N ARG A 365 -14.44 4.13 -15.66
CA ARG A 365 -13.13 3.76 -15.13
C ARG A 365 -12.68 4.83 -14.17
N THR A 366 -11.96 4.43 -13.12
CA THR A 366 -11.44 5.38 -12.14
C THR A 366 -9.91 5.43 -12.27
N VAL A 367 -9.35 6.61 -12.52
CA VAL A 367 -7.96 6.73 -12.98
C VAL A 367 -7.23 7.98 -12.45
N SER A 368 -5.90 7.95 -12.33
CA SER A 368 -5.18 9.15 -11.90
C SER A 368 -5.03 10.09 -13.04
N ILE A 369 -5.41 11.33 -12.83
CA ILE A 369 -5.18 12.41 -13.79
C ILE A 369 -3.82 12.31 -14.50
N ASP A 370 -2.89 11.62 -13.83
CA ASP A 370 -1.53 11.38 -14.31
C ASP A 370 -1.49 10.47 -15.56
N ASN A 371 -2.51 9.69 -15.77
CA ASN A 371 -2.55 8.84 -16.93
C ASN A 371 -3.56 9.38 -17.90
N LEU A 372 -3.85 10.66 -17.72
CA LEU A 372 -4.79 11.31 -18.62
C LEU A 372 -4.12 12.45 -19.30
N LYS A 373 -4.43 12.63 -20.58
CA LYS A 373 -4.16 13.92 -21.19
C LYS A 373 -5.46 14.58 -21.69
N PRO A 374 -5.63 15.87 -21.37
CA PRO A 374 -6.78 16.56 -21.93
C PRO A 374 -6.62 16.54 -23.42
N THR A 375 -7.74 16.43 -24.12
CA THR A 375 -7.71 16.23 -25.56
C THR A 375 -7.58 17.58 -26.20
N SER A 376 -6.50 17.73 -26.96
CA SER A 376 -6.05 19.02 -27.45
C SER A 376 -7.09 19.56 -28.41
N HIS A 377 -7.44 20.83 -28.25
CA HIS A 377 -8.30 21.50 -29.23
C HIS A 377 -9.80 21.51 -28.91
N GLN A 378 -10.23 20.71 -27.93
CA GLN A 378 -11.64 20.52 -27.60
C GLN A 378 -12.25 19.29 -28.30
N ASP B 119 12.02 2.66 42.90
CA ASP B 119 12.11 1.84 41.69
C ASP B 119 11.00 2.15 40.64
N ARG B 120 11.40 2.03 39.37
CA ARG B 120 10.62 2.49 38.21
C ARG B 120 9.44 1.57 37.81
N PRO B 121 8.44 2.15 37.12
CA PRO B 121 7.21 1.44 36.72
C PRO B 121 7.44 0.31 35.70
N GLN B 122 6.42 -0.52 35.56
CA GLN B 122 6.50 -1.72 34.74
C GLN B 122 6.05 -1.50 33.27
N LYS B 123 6.72 -2.12 32.31
CA LYS B 123 6.43 -1.82 30.91
C LYS B 123 6.36 -3.03 29.97
N PRO B 124 5.81 -2.78 28.76
CA PRO B 124 5.70 -3.88 27.83
C PRO B 124 7.09 -4.17 27.40
N PHE B 125 7.48 -5.43 27.26
CA PHE B 125 8.80 -5.76 26.76
C PHE B 125 9.79 -5.95 27.86
N ASP B 126 9.37 -5.70 29.09
CA ASP B 126 10.30 -5.74 30.20
C ASP B 126 10.53 -7.17 30.55
N LYS B 127 9.50 -7.98 30.30
CA LYS B 127 9.62 -9.40 30.56
C LYS B 127 8.64 -10.28 29.78
N PHE B 128 9.13 -11.43 29.37
CA PHE B 128 8.44 -12.30 28.47
C PHE B 128 8.36 -13.70 29.03
N PHE B 129 7.14 -14.18 29.17
CA PHE B 129 6.95 -15.45 29.80
C PHE B 129 6.69 -16.51 28.77
N ILE B 130 7.44 -17.61 28.87
CA ILE B 130 7.25 -18.77 27.98
C ILE B 130 7.21 -20.18 28.64
N ASP B 131 6.28 -21.00 28.15
CA ASP B 131 6.34 -22.45 28.33
C ASP B 131 5.81 -22.93 26.99
N TYR B 132 5.78 -24.25 26.86
CA TYR B 132 5.30 -24.96 25.69
C TYR B 132 4.03 -25.72 26.11
N ILE B 133 3.11 -25.87 25.19
CA ILE B 133 1.92 -26.67 25.43
C ILE B 133 1.94 -27.91 24.49
N GLY B 134 1.84 -29.11 25.06
CA GLY B 134 1.72 -30.32 24.25
C GLY B 134 2.27 -31.64 24.80
N PRO B 135 2.13 -32.73 24.01
CA PRO B 135 1.63 -32.83 22.62
C PRO B 135 0.19 -32.39 22.41
N LEU B 136 -0.32 -32.49 21.18
CA LEU B 136 -1.75 -32.36 20.90
C LEU B 136 -2.00 -33.05 19.58
N PRO B 137 -3.25 -33.40 19.33
CA PRO B 137 -3.63 -33.90 18.00
C PRO B 137 -3.05 -33.05 16.86
N PRO B 138 -2.12 -33.61 16.07
CA PRO B 138 -1.47 -32.93 14.94
C PRO B 138 -2.37 -32.09 14.05
N SER B 139 -2.01 -30.83 13.86
CA SER B 139 -2.65 -30.06 12.85
C SER B 139 -1.55 -29.62 11.93
N GLN B 140 -1.79 -29.75 10.63
CA GLN B 140 -0.74 -29.63 9.62
C GLN B 140 0.60 -30.04 10.24
N GLY B 141 0.64 -31.17 10.95
CA GLY B 141 1.90 -31.72 11.45
C GLY B 141 2.63 -30.94 12.55
N TYR B 142 1.95 -30.00 13.19
CA TYR B 142 2.51 -29.40 14.38
C TYR B 142 1.92 -30.14 15.58
N LEU B 143 2.62 -30.07 16.69
CA LEU B 143 2.26 -30.85 17.86
C LEU B 143 2.34 -30.09 19.17
N TYR B 144 2.75 -28.84 19.08
CA TYR B 144 3.13 -28.12 20.27
C TYR B 144 2.82 -26.65 20.03
N VAL B 145 2.46 -25.93 21.08
CA VAL B 145 2.34 -24.51 20.91
C VAL B 145 3.25 -23.86 21.88
N LEU B 146 4.14 -23.01 21.36
CA LEU B 146 4.94 -22.12 22.19
C LEU B 146 4.11 -20.92 22.55
N VAL B 147 4.12 -20.57 23.83
CA VAL B 147 3.27 -19.51 24.34
C VAL B 147 4.14 -18.41 24.96
N VAL B 148 4.03 -17.22 24.39
CA VAL B 148 4.70 -16.07 24.96
C VAL B 148 3.69 -15.05 25.39
N VAL B 149 3.79 -14.66 26.65
CA VAL B 149 2.96 -13.62 27.23
C VAL B 149 3.77 -12.47 27.82
N ASP B 150 3.40 -11.27 27.41
CA ASP B 150 4.07 -10.09 27.92
C ASP B 150 3.67 -9.92 29.37
N GLY B 151 4.70 -9.88 30.21
CA GLY B 151 4.53 -9.83 31.66
C GLY B 151 3.90 -8.56 32.20
N MET B 152 3.80 -7.55 31.35
CA MET B 152 3.12 -6.34 31.74
C MET B 152 1.68 -6.31 31.19
N THR B 153 1.54 -6.30 29.87
CA THR B 153 0.24 -6.24 29.21
C THR B 153 -0.50 -7.59 29.13
N GLY B 154 0.23 -8.67 29.35
CA GLY B 154 -0.36 -9.99 29.17
C GLY B 154 -0.77 -10.28 27.72
N PHE B 155 -0.23 -9.49 26.79
CA PHE B 155 -0.41 -9.75 25.38
C PHE B 155 0.16 -11.12 25.10
N THR B 156 -0.45 -11.84 24.18
CA THR B 156 -0.04 -13.22 23.93
C THR B 156 0.44 -13.48 22.51
N TRP B 157 1.54 -14.21 22.35
CA TRP B 157 1.87 -14.76 21.03
C TRP B 157 1.85 -16.25 21.07
N LEU B 158 1.36 -16.85 19.99
CA LEU B 158 1.27 -18.32 19.85
C LEU B 158 1.97 -18.87 18.62
N TYR B 159 3.06 -19.59 18.84
CA TYR B 159 3.81 -20.17 17.75
C TYR B 159 3.61 -21.64 17.87
N PRO B 160 3.11 -22.31 16.81
CA PRO B 160 2.89 -23.75 16.78
C PRO B 160 4.17 -24.41 16.35
N THR B 161 4.61 -25.45 17.04
CA THR B 161 5.89 -26.08 16.68
C THR B 161 5.75 -27.60 16.59
N LYS B 162 6.89 -28.23 16.30
CA LYS B 162 6.97 -29.65 15.98
C LYS B 162 7.50 -30.42 17.23
N ALA B 163 8.16 -29.71 18.13
CA ALA B 163 8.69 -30.29 19.35
C ALA B 163 9.28 -29.21 20.23
N PRO B 164 9.31 -29.48 21.53
CA PRO B 164 9.85 -28.64 22.60
C PRO B 164 11.37 -28.53 22.57
N SER B 165 11.95 -28.42 21.39
CA SER B 165 13.38 -28.50 21.26
C SER B 165 13.90 -27.11 21.22
N THR B 166 15.15 -26.92 21.62
CA THR B 166 15.73 -25.60 21.55
C THR B 166 15.67 -25.06 20.13
N SER B 167 15.70 -25.95 19.15
CA SER B 167 15.54 -25.50 17.77
C SER B 167 14.21 -24.80 17.60
N ALA B 168 13.14 -25.57 17.67
CA ALA B 168 11.86 -25.05 17.23
C ALA B 168 11.49 -23.83 18.07
N THR B 169 12.10 -23.71 19.23
CA THR B 169 11.92 -22.54 20.10
C THR B 169 12.49 -21.29 19.43
N VAL B 170 13.76 -21.42 19.10
CA VAL B 170 14.53 -20.35 18.54
C VAL B 170 13.97 -20.03 17.17
N LYS B 171 13.50 -21.04 16.45
CA LYS B 171 12.90 -20.81 15.15
C LYS B 171 11.82 -19.75 15.35
N SER B 172 10.97 -19.98 16.35
CA SER B 172 9.83 -19.11 16.61
C SER B 172 10.27 -17.75 17.17
N LEU B 173 10.89 -17.75 18.33
CA LEU B 173 11.36 -16.50 18.90
C LEU B 173 12.09 -15.60 17.91
N ASN B 174 12.74 -16.17 16.90
CA ASN B 174 13.46 -15.35 15.93
C ASN B 174 12.48 -14.50 15.17
N VAL B 175 11.27 -15.04 15.07
CA VAL B 175 10.14 -14.33 14.55
C VAL B 175 9.67 -13.19 15.43
N LEU B 176 9.17 -13.57 16.59
CA LEU B 176 8.74 -12.60 17.54
C LEU B 176 9.79 -11.51 17.72
N THR B 177 11.05 -11.89 17.82
CA THR B 177 12.08 -10.91 18.10
C THR B 177 12.38 -10.05 16.91
N SER B 178 11.81 -10.35 15.75
CA SER B 178 11.96 -9.45 14.60
C SER B 178 10.92 -8.30 14.69
N ILE B 179 10.13 -8.36 15.76
CA ILE B 179 9.17 -7.33 16.05
C ILE B 179 9.60 -6.51 17.25
N ALA B 180 9.84 -7.24 18.36
CA ALA B 180 10.29 -6.63 19.62
C ALA B 180 11.14 -7.56 20.44
N ILE B 181 12.09 -7.01 21.18
CA ILE B 181 13.01 -7.86 21.95
C ILE B 181 12.86 -7.57 23.42
N PRO B 182 12.76 -8.63 24.23
CA PRO B 182 12.39 -8.41 25.62
C PRO B 182 13.58 -8.22 26.51
N LYS B 183 13.54 -7.29 27.45
CA LYS B 183 14.63 -7.21 28.40
C LYS B 183 14.84 -8.60 29.01
N VAL B 184 13.77 -9.29 29.39
CA VAL B 184 13.93 -10.59 30.04
C VAL B 184 12.98 -11.70 29.63
N ILE B 185 13.48 -12.93 29.61
CA ILE B 185 12.63 -14.08 29.31
C ILE B 185 12.52 -15.04 30.48
N HIS B 186 11.35 -15.08 31.09
CA HIS B 186 11.14 -16.00 32.18
C HIS B 186 10.45 -17.26 31.67
N SER B 187 10.85 -18.39 32.26
CA SER B 187 10.47 -19.69 31.78
C SER B 187 10.75 -20.69 32.87
N ASP B 188 10.15 -21.87 32.76
CA ASP B 188 10.47 -22.94 33.68
C ASP B 188 11.86 -23.49 33.37
N GLN B 189 12.18 -24.65 33.91
CA GLN B 189 13.51 -25.22 33.70
C GLN B 189 13.49 -26.31 32.65
N GLY B 190 12.62 -26.16 31.65
CA GLY B 190 12.51 -27.17 30.62
C GLY B 190 13.83 -27.46 29.91
N ALA B 191 13.86 -28.57 29.18
CA ALA B 191 15.00 -28.96 28.35
C ALA B 191 15.49 -27.80 27.52
N ALA B 192 14.54 -27.24 26.76
CA ALA B 192 14.84 -26.29 25.72
C ALA B 192 15.35 -24.97 26.27
N PHE B 193 14.91 -24.57 27.45
CA PHE B 193 15.22 -23.23 27.90
C PHE B 193 16.54 -23.16 28.66
N THR B 194 16.94 -24.30 29.22
CA THR B 194 18.23 -24.44 29.89
C THR B 194 19.38 -24.62 28.89
N SER B 195 19.18 -25.53 27.92
CA SER B 195 20.15 -25.82 26.86
C SER B 195 21.06 -24.63 26.51
N SER B 196 22.36 -24.88 26.44
CA SER B 196 23.36 -23.82 26.29
C SER B 196 23.22 -23.06 24.97
N THR B 197 22.61 -23.74 24.01
CA THR B 197 22.31 -23.17 22.71
C THR B 197 21.36 -22.01 22.88
N PHE B 198 20.20 -22.26 23.48
CA PHE B 198 19.26 -21.19 23.75
C PHE B 198 19.95 -20.07 24.57
N ALA B 199 20.69 -20.50 25.58
CA ALA B 199 21.37 -19.59 26.48
C ALA B 199 22.30 -18.61 25.74
N GLU B 200 22.68 -19.00 24.53
CA GLU B 200 23.55 -18.18 23.70
C GLU B 200 22.73 -17.17 22.91
N TRP B 201 21.88 -17.72 22.05
CA TRP B 201 20.82 -16.98 21.38
C TRP B 201 20.32 -15.82 22.25
N ALA B 202 20.23 -16.06 23.54
CA ALA B 202 19.82 -15.02 24.45
C ALA B 202 20.96 -14.05 24.67
N LYS B 203 22.06 -14.56 25.20
CA LYS B 203 23.26 -13.75 25.33
C LYS B 203 23.47 -12.88 24.09
N GLU B 204 23.43 -13.49 22.89
CA GLU B 204 23.52 -12.75 21.61
C GLU B 204 22.55 -11.57 21.64
N ARG B 205 21.27 -11.85 21.47
CA ARG B 205 20.26 -10.80 21.52
C ARG B 205 20.23 -9.86 22.78
N GLY B 206 21.18 -10.03 23.70
CA GLY B 206 21.26 -9.13 24.83
C GLY B 206 20.12 -9.33 25.81
N ILE B 207 19.59 -10.55 25.83
CA ILE B 207 18.36 -10.91 26.56
C ILE B 207 18.63 -11.62 27.85
N HIS B 208 18.20 -11.12 28.99
CA HIS B 208 18.46 -11.88 30.20
C HIS B 208 17.47 -13.04 30.38
N LEU B 209 18.02 -14.23 30.54
CA LEU B 209 17.21 -15.41 30.82
C LEU B 209 16.91 -15.57 32.31
N GLU B 210 15.73 -16.10 32.64
CA GLU B 210 15.29 -16.15 34.04
C GLU B 210 14.36 -17.31 34.38
N PHE B 211 14.67 -18.01 35.48
CA PHE B 211 14.18 -19.39 35.72
C PHE B 211 13.39 -19.73 37.00
N SER B 212 12.33 -20.49 36.81
CA SER B 212 11.46 -20.89 37.91
C SER B 212 11.92 -22.17 38.66
N THR B 213 12.72 -21.99 39.73
CA THR B 213 13.19 -23.10 40.61
C THR B 213 12.35 -24.37 40.49
N PRO B 214 13.01 -25.49 40.11
CA PRO B 214 12.33 -26.72 39.69
C PRO B 214 11.15 -27.07 40.54
N TYR B 215 10.05 -27.36 39.86
CA TYR B 215 8.86 -27.89 40.49
C TYR B 215 8.08 -26.83 41.30
N HIS B 216 8.64 -25.64 41.55
CA HIS B 216 7.87 -24.50 42.14
C HIS B 216 7.73 -23.30 41.14
N PRO B 217 6.90 -23.48 40.06
CA PRO B 217 6.85 -22.57 38.88
C PRO B 217 6.14 -21.27 39.17
N GLN B 218 6.74 -20.13 38.89
CA GLN B 218 6.25 -18.87 39.43
C GLN B 218 6.09 -17.77 38.38
N SER B 219 4.95 -17.81 37.69
CA SER B 219 4.57 -16.78 36.72
C SER B 219 4.31 -15.43 37.45
N SER B 220 3.09 -14.91 37.31
CA SER B 220 2.61 -13.76 38.11
C SER B 220 1.09 -13.82 38.13
N GLY B 221 0.45 -13.01 38.98
CA GLY B 221 -0.98 -12.89 38.93
C GLY B 221 -1.42 -12.98 37.48
N LYS B 222 -1.25 -11.88 36.74
CA LYS B 222 -1.84 -11.75 35.42
C LYS B 222 -1.45 -12.86 34.48
N VAL B 223 -0.19 -13.28 34.60
CA VAL B 223 0.35 -14.29 33.70
C VAL B 223 -0.20 -15.67 34.07
N GLU B 224 -0.02 -16.06 35.33
CA GLU B 224 -0.59 -17.30 35.86
C GLU B 224 -1.96 -17.47 35.26
N ARG B 225 -2.77 -16.42 35.46
CA ARG B 225 -4.14 -16.34 34.97
C ARG B 225 -4.15 -16.53 33.47
N LYS B 226 -3.68 -15.53 32.73
CA LYS B 226 -3.73 -15.65 31.28
C LYS B 226 -3.38 -17.08 30.78
N ASN B 227 -2.34 -17.71 31.34
CA ASN B 227 -1.93 -19.06 30.92
C ASN B 227 -3.02 -20.10 31.14
N SER B 228 -3.69 -19.98 32.28
CA SER B 228 -4.88 -20.79 32.55
C SER B 228 -5.95 -20.56 31.46
N ASP B 229 -6.22 -19.29 31.20
CA ASP B 229 -7.26 -18.89 30.28
C ASP B 229 -6.99 -19.62 29.01
N ILE B 230 -5.72 -19.63 28.62
CA ILE B 230 -5.30 -20.26 27.38
C ILE B 230 -5.62 -21.76 27.35
N LYS B 231 -5.07 -22.52 28.29
CA LYS B 231 -5.23 -23.99 28.26
C LYS B 231 -6.71 -24.37 28.06
N ARG B 232 -7.60 -23.74 28.84
CA ARG B 232 -9.00 -24.11 28.76
C ARG B 232 -9.47 -23.76 27.38
N LEU B 233 -9.00 -22.61 26.91
CA LEU B 233 -9.44 -22.07 25.64
C LEU B 233 -9.19 -23.03 24.48
N LEU B 234 -7.99 -23.60 24.43
CA LEU B 234 -7.62 -24.53 23.37
C LEU B 234 -8.57 -25.71 23.38
N THR B 235 -8.47 -26.45 24.48
CA THR B 235 -9.22 -27.68 24.67
C THR B 235 -10.66 -27.45 24.37
N LYS B 236 -11.15 -26.23 24.64
CA LYS B 236 -12.52 -25.93 24.29
C LYS B 236 -12.73 -26.15 22.80
N LEU B 237 -11.84 -25.66 21.97
CA LEU B 237 -12.14 -25.65 20.54
C LEU B 237 -11.46 -26.77 19.76
N LEU B 238 -10.33 -27.24 20.26
CA LEU B 238 -9.77 -28.45 19.67
C LEU B 238 -10.45 -29.69 20.24
N VAL B 239 -11.69 -29.56 20.70
CA VAL B 239 -12.55 -30.75 20.82
C VAL B 239 -13.67 -30.62 19.79
N GLY B 240 -13.80 -31.60 18.90
CA GLY B 240 -14.69 -31.47 17.77
C GLY B 240 -13.91 -31.17 16.50
N ARG B 241 -12.76 -30.54 16.64
CA ARG B 241 -11.76 -30.52 15.57
C ARG B 241 -10.40 -30.54 16.22
N PRO B 242 -10.05 -31.69 16.80
CA PRO B 242 -8.82 -31.81 17.58
C PRO B 242 -7.65 -31.63 16.65
N THR B 243 -7.96 -31.70 15.36
CA THR B 243 -6.98 -31.84 14.32
C THR B 243 -6.93 -30.62 13.42
N LYS B 244 -7.82 -29.66 13.65
CA LYS B 244 -7.93 -28.48 12.80
C LYS B 244 -7.54 -27.24 13.55
N TRP B 245 -6.73 -27.44 14.59
CA TRP B 245 -6.41 -26.34 15.48
C TRP B 245 -5.32 -25.38 15.04
N TYR B 246 -4.45 -25.81 14.14
CA TYR B 246 -3.36 -24.95 13.67
C TYR B 246 -3.90 -23.68 13.04
N ASP B 247 -5.04 -23.83 12.36
CA ASP B 247 -5.56 -22.75 11.55
C ASP B 247 -6.27 -21.73 12.43
N LEU B 248 -6.44 -22.05 13.70
CA LEU B 248 -7.19 -21.17 14.58
C LEU B 248 -6.29 -20.39 15.51
N LEU B 249 -5.01 -20.71 15.50
CA LEU B 249 -4.12 -19.95 16.30
C LEU B 249 -4.25 -18.45 16.06
N PRO B 250 -4.37 -18.01 14.80
CA PRO B 250 -4.56 -16.55 14.62
C PRO B 250 -5.72 -16.06 15.47
N VAL B 251 -6.88 -16.63 15.19
CA VAL B 251 -8.11 -16.16 15.82
C VAL B 251 -8.13 -16.26 17.34
N VAL B 252 -7.48 -17.29 17.86
CA VAL B 252 -7.34 -17.40 19.30
C VAL B 252 -6.61 -16.21 19.88
N GLN B 253 -5.37 -16.01 19.47
CA GLN B 253 -4.63 -14.82 19.84
C GLN B 253 -5.54 -13.58 19.89
N LEU B 254 -6.03 -13.12 18.73
CA LEU B 254 -7.00 -12.01 18.64
C LEU B 254 -7.96 -11.92 19.84
N ALA B 255 -8.42 -13.07 20.28
CA ALA B 255 -9.31 -13.14 21.41
C ALA B 255 -8.62 -12.79 22.72
N LEU B 256 -7.62 -13.56 23.10
CA LEU B 256 -6.94 -13.37 24.39
C LEU B 256 -6.18 -12.07 24.44
N ASN B 257 -6.20 -11.34 23.34
CA ASN B 257 -5.55 -10.06 23.34
C ASN B 257 -6.62 -8.99 23.34
N ASN B 258 -7.85 -9.38 23.03
CA ASN B 258 -9.02 -8.50 23.25
C ASN B 258 -9.96 -9.00 24.39
N THR B 259 -9.35 -9.70 25.33
CA THR B 259 -10.06 -10.24 26.46
C THR B 259 -9.95 -9.23 27.60
N TYR B 260 -11.04 -8.52 27.85
CA TYR B 260 -11.01 -7.44 28.83
C TYR B 260 -10.57 -7.93 30.23
N SER B 261 -9.45 -7.41 30.71
CA SER B 261 -8.91 -7.79 32.02
C SER B 261 -9.59 -7.08 33.21
N PRO B 262 -10.31 -7.84 34.08
CA PRO B 262 -10.76 -7.36 35.39
C PRO B 262 -9.87 -6.32 36.03
N VAL B 263 -8.58 -6.63 36.20
CA VAL B 263 -7.66 -5.82 37.06
C VAL B 263 -7.33 -4.42 36.54
N LEU B 264 -7.34 -4.21 35.23
CA LEU B 264 -7.34 -2.86 34.64
C LEU B 264 -8.64 -2.69 33.89
N LYS B 265 -8.77 -1.59 33.18
CA LYS B 265 -9.95 -1.44 32.36
C LYS B 265 -9.65 -1.97 30.95
N TYR B 266 -8.56 -2.73 30.82
CA TYR B 266 -7.93 -2.84 29.50
C TYR B 266 -7.57 -4.24 28.98
N THR B 267 -7.66 -4.41 27.66
CA THR B 267 -7.09 -5.60 27.07
C THR B 267 -5.60 -5.45 26.84
N PRO B 268 -4.90 -6.57 26.72
CA PRO B 268 -3.59 -6.50 26.07
C PRO B 268 -3.59 -5.47 24.94
N HIS B 269 -4.48 -5.64 23.98
CA HIS B 269 -4.39 -4.87 22.77
C HIS B 269 -4.31 -3.41 23.07
N GLN B 270 -5.00 -2.97 24.09
CA GLN B 270 -5.07 -1.55 24.32
C GLN B 270 -3.89 -1.06 25.08
N LEU B 271 -3.33 -1.93 25.89
CA LEU B 271 -2.19 -1.57 26.70
C LEU B 271 -0.90 -1.59 25.89
N LEU B 272 -0.97 -2.36 24.81
CA LEU B 272 0.20 -2.60 23.99
C LEU B 272 0.31 -1.42 23.04
N PHE B 273 -0.81 -1.13 22.38
CA PHE B 273 -0.88 -0.15 21.32
C PHE B 273 -1.49 1.21 21.72
N GLY B 274 -2.21 1.24 22.84
CA GLY B 274 -2.87 2.46 23.27
C GLY B 274 -4.02 2.92 22.40
N ILE B 275 -4.76 1.96 21.85
CA ILE B 275 -5.88 2.29 20.99
C ILE B 275 -6.82 1.15 21.08
N ASP B 276 -8.01 1.31 20.50
CA ASP B 276 -9.00 0.23 20.43
C ASP B 276 -8.93 -0.65 19.18
N SER B 277 -9.01 -1.97 19.37
CA SER B 277 -8.89 -2.94 18.29
C SER B 277 -10.05 -2.77 17.33
N ASN B 278 -9.99 -3.33 16.13
CA ASN B 278 -11.13 -3.23 15.20
C ASN B 278 -11.97 -4.52 15.20
N THR B 279 -11.52 -5.49 15.99
CA THR B 279 -12.25 -6.71 16.25
C THR B 279 -12.26 -6.98 17.75
N PRO B 280 -13.32 -6.49 18.42
CA PRO B 280 -13.48 -6.63 19.88
C PRO B 280 -14.25 -7.89 20.26
N PHE B 281 -13.81 -8.58 21.31
CA PHE B 281 -14.53 -9.75 21.78
C PHE B 281 -15.24 -9.34 23.04
N ALA B 282 -16.17 -8.38 22.87
CA ALA B 282 -17.18 -8.05 23.86
C ALA B 282 -18.24 -9.18 23.93
N ASN B 283 -17.86 -10.36 23.41
CA ASN B 283 -18.49 -11.64 23.74
C ASN B 283 -17.84 -12.23 25.00
N GLN B 284 -18.17 -11.67 26.17
CA GLN B 284 -17.76 -12.24 27.44
C GLN B 284 -18.32 -13.67 27.44
N ASP B 285 -17.55 -14.60 26.87
CA ASP B 285 -17.99 -15.96 26.51
C ASP B 285 -17.51 -17.06 27.50
N THR B 286 -18.22 -18.19 27.56
CA THR B 286 -18.05 -19.22 28.62
C THR B 286 -16.64 -19.81 28.67
N LEU B 287 -16.18 -20.31 27.52
CA LEU B 287 -14.84 -20.86 27.42
C LEU B 287 -14.75 -22.20 28.18
N ASP B 288 -15.67 -22.41 29.12
CA ASP B 288 -15.67 -23.61 29.94
C ASP B 288 -16.28 -24.77 29.20
N LEU B 289 -15.78 -25.95 29.50
CA LEU B 289 -16.10 -27.18 28.76
C LEU B 289 -17.62 -27.45 28.72
N THR B 290 -18.38 -26.51 28.13
CA THR B 290 -19.85 -26.42 28.26
C THR B 290 -20.65 -27.72 27.95
N ARG B 291 -21.08 -28.37 29.05
CA ARG B 291 -22.02 -29.50 29.09
C ARG B 291 -21.98 -30.57 27.97
N GLU B 292 -21.98 -30.15 26.70
CA GLU B 292 -22.04 -31.08 25.57
C GLU B 292 -20.68 -31.60 25.11
N GLU B 293 -19.66 -30.77 25.29
CA GLU B 293 -18.32 -31.09 24.81
C GLU B 293 -17.62 -32.12 25.72
N GLU B 294 -18.23 -32.42 26.86
CA GLU B 294 -17.80 -33.52 27.72
C GLU B 294 -18.46 -34.79 27.21
N LEU B 295 -19.54 -34.63 26.45
CA LEU B 295 -20.21 -35.73 25.78
C LEU B 295 -19.27 -36.48 24.82
N SER B 296 -18.89 -35.80 23.74
CA SER B 296 -17.93 -36.33 22.77
C SER B 296 -16.47 -35.95 23.14
N LEU B 297 -16.22 -35.78 24.43
CA LEU B 297 -14.88 -35.55 24.96
C LEU B 297 -14.39 -36.77 25.76
N LEU B 298 -15.16 -37.15 26.77
CA LEU B 298 -14.85 -38.34 27.59
C LEU B 298 -15.41 -39.63 26.96
N GLN B 299 -15.76 -39.54 25.68
CA GLN B 299 -16.00 -40.72 24.84
C GLN B 299 -14.89 -40.86 23.78
N GLU B 300 -14.12 -39.78 23.55
CA GLU B 300 -12.97 -39.78 22.63
C GLU B 300 -11.68 -40.26 23.30
N ILE B 301 -11.67 -40.21 24.63
CA ILE B 301 -10.54 -40.69 25.42
C ILE B 301 -10.97 -41.75 26.48
N ARG B 302 -12.15 -41.57 27.07
CA ARG B 302 -12.68 -42.50 28.08
C ARG B 302 -13.62 -43.54 27.49
#